data_4K84
#
_entry.id   4K84
#
_cell.length_a   62.604
_cell.length_b   50.291
_cell.length_c   62.870
_cell.angle_alpha   90.00
_cell.angle_beta   100.11
_cell.angle_gamma   90.00
#
_symmetry.space_group_name_H-M   'P 1 21 1'
#
loop_
_entity.id
_entity.type
_entity.pdbx_description
1 polymer 'Glycolipid transfer protein domain-containing protein 1'
2 non-polymer '(2S,3R,4E)-2-(hexadecanoylamino)-3-hydroxyoctadec-4-en-1-yl dihydrogen phosphate'
3 water water
#
_entity_poly.entity_id   1
_entity_poly.type   'polypeptide(L)'
_entity_poly.pdbx_seq_one_letter_code
;SMDDSETGFNLKVVLVSFKQCLDEKEEVLLDPYIASWKGLVRFLNSLGTIFSFISKDVVSKLRIMERLRGGPQSEHYRSL
QAMVAHELSNRLVDLERRSHHPESGCRTVLRLHRALHWLQLFLEGLRTSPEDARTSALCADSYNASLAAYHPWVVRRAVT
VAFCTLPTREVFLEAMNVGPPEQAVQMLGEALPFIQRVYNVSQKLYAEHSLLDLP
;
_entity_poly.pdbx_strand_id   A,B
#
# COMPACT_ATOMS: atom_id res chain seq x y z
N ASN A 10 13.47 -23.28 6.40
CA ASN A 10 13.25 -22.57 5.15
C ASN A 10 12.23 -21.44 5.26
N LEU A 11 12.60 -20.26 4.79
CA LEU A 11 11.71 -19.10 4.85
C LEU A 11 10.60 -19.18 3.81
N LYS A 12 10.91 -19.78 2.65
CA LYS A 12 9.93 -19.91 1.58
C LYS A 12 8.76 -20.78 2.05
N VAL A 13 9.08 -21.89 2.70
CA VAL A 13 8.07 -22.79 3.23
C VAL A 13 7.13 -22.09 4.22
N VAL A 14 7.70 -21.27 5.10
CA VAL A 14 6.88 -20.51 6.06
C VAL A 14 5.95 -19.53 5.33
N LEU A 15 6.52 -18.72 4.44
CA LEU A 15 5.72 -17.70 3.77
C LEU A 15 4.62 -18.29 2.89
N VAL A 16 4.91 -19.37 2.16
CA VAL A 16 3.90 -19.95 1.29
C VAL A 16 2.88 -20.80 2.06
N SER A 17 3.20 -21.17 3.28
CA SER A 17 2.27 -21.94 4.10
C SER A 17 0.98 -21.16 4.39
N PHE A 18 0.98 -19.84 4.15
CA PHE A 18 -0.27 -19.08 4.29
C PHE A 18 -1.34 -19.55 3.29
N LYS A 19 -0.89 -20.24 2.23
CA LYS A 19 -1.82 -20.83 1.27
C LYS A 19 -2.82 -21.76 1.93
N GLN A 20 -2.43 -22.37 3.05
CA GLN A 20 -3.27 -23.36 3.72
C GLN A 20 -4.38 -22.74 4.59
N CYS A 21 -4.34 -21.42 4.76
CA CYS A 21 -5.31 -20.76 5.64
C CYS A 21 -6.69 -20.60 5.05
N LEU A 22 -6.80 -20.62 3.73
CA LEU A 22 -8.10 -20.41 3.08
C LEU A 22 -8.69 -21.70 2.54
N ASP A 23 -10.00 -21.77 2.45
CA ASP A 23 -10.66 -22.90 1.80
C ASP A 23 -11.64 -22.44 0.75
N GLU A 24 -12.34 -23.37 0.12
CA GLU A 24 -13.28 -22.99 -0.96
C GLU A 24 -14.37 -22.01 -0.55
N LYS A 25 -14.71 -21.98 0.73
CA LYS A 25 -15.71 -21.03 1.23
C LYS A 25 -15.04 -19.71 1.64
N GLU A 26 -13.76 -19.58 1.35
CA GLU A 26 -12.91 -18.47 1.85
C GLU A 26 -13.04 -18.21 3.36
N GLU A 27 -13.15 -19.28 4.12
CA GLU A 27 -12.99 -19.20 5.56
C GLU A 27 -11.51 -19.04 5.82
N VAL A 28 -11.14 -18.27 6.83
CA VAL A 28 -9.73 -18.22 7.25
C VAL A 28 -9.61 -19.21 8.40
N LEU A 29 -8.94 -20.32 8.14
CA LEU A 29 -8.89 -21.41 9.11
C LEU A 29 -7.85 -21.13 10.18
N LEU A 30 -8.21 -21.28 11.44
CA LEU A 30 -7.31 -20.86 12.51
C LEU A 30 -6.08 -21.78 12.72
N ASP A 31 -6.27 -23.09 12.62
CA ASP A 31 -5.15 -24.02 12.78
C ASP A 31 -3.97 -23.67 11.86
N PRO A 32 -4.23 -23.55 10.55
CA PRO A 32 -3.17 -23.18 9.61
C PRO A 32 -2.64 -21.77 9.85
N TYR A 33 -3.49 -20.88 10.33
CA TYR A 33 -3.09 -19.51 10.61
C TYR A 33 -2.08 -19.49 11.76
N ILE A 34 -2.36 -20.27 12.80
CA ILE A 34 -1.43 -20.39 13.92
C ILE A 34 -0.13 -21.08 13.47
N ALA A 35 -0.26 -22.11 12.64
CA ALA A 35 0.92 -22.80 12.10
C ALA A 35 1.86 -21.83 11.37
N SER A 36 1.29 -20.99 10.51
CA SER A 36 2.09 -20.04 9.75
C SER A 36 2.78 -19.05 10.68
N TRP A 37 2.04 -18.54 11.66
CA TRP A 37 2.63 -17.60 12.63
C TRP A 37 3.74 -18.26 13.45
N LYS A 38 3.60 -19.54 13.76
CA LYS A 38 4.67 -20.24 14.48
C LYS A 38 5.94 -20.26 13.63
N GLY A 39 5.78 -20.43 12.32
CA GLY A 39 6.88 -20.31 11.38
C GLY A 39 7.56 -18.95 11.44
N LEU A 40 6.77 -17.89 11.53
CA LEU A 40 7.30 -16.54 11.63
C LEU A 40 8.03 -16.34 12.96
N VAL A 41 7.46 -16.91 14.03
CA VAL A 41 8.15 -16.88 15.33
C VAL A 41 9.51 -17.57 15.24
N ARG A 42 9.59 -18.72 14.57
CA ARG A 42 10.88 -19.41 14.42
C ARG A 42 11.89 -18.50 13.71
N PHE A 43 11.43 -17.78 12.69
CA PHE A 43 12.30 -16.81 12.05
C PHE A 43 12.79 -15.77 13.05
N LEU A 44 11.85 -15.20 13.82
CA LEU A 44 12.19 -14.14 14.78
C LEU A 44 13.20 -14.60 15.81
N ASN A 45 13.02 -15.82 16.30
CA ASN A 45 13.93 -16.38 17.28
C ASN A 45 15.31 -16.54 16.69
N SER A 46 15.36 -16.93 15.42
CA SER A 46 16.63 -17.08 14.71
C SER A 46 17.41 -15.77 14.66
N LEU A 47 16.70 -14.67 14.40
CA LEU A 47 17.35 -13.36 14.30
C LEU A 47 18.13 -12.99 15.56
N GLY A 48 17.73 -13.50 16.71
CA GLY A 48 18.51 -13.30 17.93
C GLY A 48 17.82 -12.57 19.06
N THR A 49 18.55 -12.34 20.15
CA THR A 49 17.97 -11.82 21.40
C THR A 49 17.42 -10.40 21.27
N ILE A 50 17.96 -9.64 20.32
CA ILE A 50 17.52 -8.27 20.11
C ILE A 50 16.05 -8.18 19.69
N PHE A 51 15.55 -9.26 19.10
CA PHE A 51 14.15 -9.30 18.65
C PHE A 51 13.25 -10.10 19.58
N SER A 52 13.76 -10.48 20.74
CA SER A 52 13.07 -11.39 21.64
C SER A 52 11.76 -10.79 22.17
N PHE A 53 11.75 -9.47 22.38
CA PHE A 53 10.52 -8.84 22.88
C PHE A 53 9.37 -8.98 21.86
N ILE A 54 9.71 -8.99 20.58
CA ILE A 54 8.70 -9.17 19.52
C ILE A 54 8.21 -10.62 19.48
N SER A 55 9.14 -11.56 19.50
CA SER A 55 8.77 -12.96 19.55
C SER A 55 7.85 -13.24 20.74
N LYS A 56 8.22 -12.73 21.92
CA LYS A 56 7.45 -12.95 23.13
C LYS A 56 6.01 -12.45 23.01
N ASP A 57 5.83 -11.29 22.37
CA ASP A 57 4.47 -10.78 22.21
C ASP A 57 3.65 -11.65 21.27
N VAL A 58 4.28 -12.12 20.19
CA VAL A 58 3.60 -12.98 19.24
C VAL A 58 3.23 -14.28 19.92
N VAL A 59 4.19 -14.88 20.61
CA VAL A 59 3.94 -16.14 21.28
C VAL A 59 2.80 -16.01 22.28
N SER A 60 2.78 -14.90 23.01
CA SER A 60 1.74 -14.64 23.99
C SER A 60 0.35 -14.69 23.35
N LYS A 61 0.24 -14.07 22.18
CA LYS A 61 -1.01 -14.04 21.43
C LYS A 61 -1.36 -15.40 20.81
N LEU A 62 -0.37 -16.10 20.24
CA LEU A 62 -0.62 -17.45 19.75
C LEU A 62 -1.11 -18.38 20.86
N ARG A 63 -0.57 -18.22 22.07
CA ARG A 63 -1.03 -19.05 23.19
C ARG A 63 -2.48 -18.81 23.57
N ILE A 64 -2.91 -17.54 23.55
CA ILE A 64 -4.31 -17.21 23.76
C ILE A 64 -5.17 -17.96 22.74
N MET A 65 -4.76 -17.91 21.47
CA MET A 65 -5.54 -18.52 20.39
C MET A 65 -5.55 -20.04 20.48
N GLU A 66 -4.41 -20.62 20.83
CA GLU A 66 -4.36 -22.08 21.01
C GLU A 66 -5.22 -22.55 22.17
N ARG A 67 -5.30 -21.76 23.24
CA ARG A 67 -6.15 -22.15 24.38
C ARG A 67 -7.63 -22.12 23.99
N LEU A 68 -8.03 -21.11 23.23
CA LEU A 68 -9.40 -21.00 22.75
C LEU A 68 -9.72 -22.11 21.76
N ARG A 69 -8.79 -22.36 20.84
CA ARG A 69 -9.01 -23.38 19.81
C ARG A 69 -8.99 -24.80 20.39
N GLY A 70 -8.27 -25.00 21.49
CA GLY A 70 -8.15 -26.33 22.09
C GLY A 70 -9.17 -26.65 23.18
N GLY A 71 -9.86 -25.63 23.67
CA GLY A 71 -10.71 -25.81 24.84
C GLY A 71 -12.12 -26.28 24.51
N PRO A 72 -13.04 -26.13 25.47
CA PRO A 72 -14.42 -26.58 25.32
C PRO A 72 -15.13 -25.92 24.13
N GLN A 73 -14.71 -24.71 23.74
CA GLN A 73 -15.34 -23.97 22.65
C GLN A 73 -14.67 -24.19 21.29
N SER A 74 -13.81 -25.20 21.21
CA SER A 74 -12.95 -25.42 20.03
C SER A 74 -13.64 -25.22 18.69
N GLU A 75 -14.84 -25.77 18.53
CA GLU A 75 -15.55 -25.72 17.26
C GLU A 75 -15.78 -24.27 16.79
N HIS A 76 -16.05 -23.38 17.74
CA HIS A 76 -16.30 -21.97 17.41
C HIS A 76 -15.07 -21.22 16.90
N TYR A 77 -13.90 -21.83 17.07
CA TYR A 77 -12.64 -21.22 16.67
C TYR A 77 -11.97 -21.89 15.47
N ARG A 78 -12.75 -22.68 14.74
CA ARG A 78 -12.22 -23.40 13.57
C ARG A 78 -11.81 -22.38 12.51
N SER A 79 -12.58 -21.30 12.41
CA SER A 79 -12.27 -20.23 11.47
C SER A 79 -12.45 -18.87 12.14
N LEU A 80 -11.85 -17.86 11.54
CA LEU A 80 -12.02 -16.48 12.02
C LEU A 80 -13.49 -16.08 11.91
N GLN A 81 -14.16 -16.53 10.84
CA GLN A 81 -15.59 -16.25 10.67
C GLN A 81 -16.43 -16.83 11.81
N ALA A 82 -16.15 -18.06 12.18
CA ALA A 82 -16.87 -18.68 13.29
C ALA A 82 -16.55 -17.98 14.61
N MET A 83 -15.30 -17.59 14.79
CA MET A 83 -14.88 -16.92 16.02
C MET A 83 -15.62 -15.57 16.20
N VAL A 84 -15.72 -14.79 15.12
CA VAL A 84 -16.41 -13.51 15.21
C VAL A 84 -17.90 -13.69 15.54
N ALA A 85 -18.58 -14.58 14.83
CA ALA A 85 -19.99 -14.83 15.09
C ALA A 85 -20.17 -15.29 16.55
N HIS A 86 -19.30 -16.18 16.99
CA HIS A 86 -19.43 -16.74 18.34
C HIS A 86 -19.17 -15.67 19.40
N GLU A 87 -18.05 -14.96 19.31
CA GLU A 87 -17.71 -14.00 20.36
C GLU A 87 -18.68 -12.82 20.41
N LEU A 88 -19.20 -12.42 19.26
CA LEU A 88 -20.21 -11.38 19.25
C LEU A 88 -21.55 -11.88 19.83
N SER A 89 -21.97 -13.07 19.44
CA SER A 89 -23.24 -13.63 19.91
C SER A 89 -23.24 -13.84 21.42
N ASN A 90 -22.08 -14.22 21.94
CA ASN A 90 -21.96 -14.59 23.33
C ASN A 90 -21.42 -13.48 24.22
N ARG A 91 -21.26 -12.29 23.64
CA ARG A 91 -20.87 -11.09 24.36
C ARG A 91 -19.50 -11.28 25.02
N LEU A 92 -18.53 -11.72 24.22
CA LEU A 92 -17.20 -12.01 24.73
C LEU A 92 -16.16 -11.01 24.24
N VAL A 93 -16.61 -9.92 23.63
CA VAL A 93 -15.71 -8.91 23.07
C VAL A 93 -15.90 -7.54 23.73
N ASP A 94 -14.82 -6.94 24.21
CA ASP A 94 -14.91 -5.58 24.76
C ASP A 94 -14.74 -4.58 23.61
N LEU A 95 -15.80 -3.84 23.27
CA LEU A 95 -15.77 -3.00 22.08
C LEU A 95 -15.07 -1.66 22.29
N GLU A 96 -15.14 -1.13 23.51
CA GLU A 96 -14.71 0.25 23.75
C GLU A 96 -13.47 0.34 24.65
N ARG A 97 -13.48 -0.36 25.77
CA ARG A 97 -12.31 -0.47 26.62
C ARG A 97 -12.23 -1.88 27.20
N ARG A 98 -11.01 -2.34 27.46
CA ARG A 98 -10.84 -3.69 27.99
C ARG A 98 -11.16 -3.92 29.46
N SER A 99 -12.24 -4.64 29.69
CA SER A 99 -12.72 -4.91 31.03
C SER A 99 -12.72 -6.39 31.38
N HIS A 100 -13.85 -7.04 31.15
CA HIS A 100 -13.97 -8.44 31.53
C HIS A 100 -13.47 -9.39 30.45
N HIS A 101 -13.22 -8.85 29.26
CA HIS A 101 -12.77 -9.68 28.13
C HIS A 101 -11.52 -9.14 27.46
N PRO A 102 -10.43 -8.98 28.24
CA PRO A 102 -9.17 -8.39 27.81
C PRO A 102 -8.50 -9.18 26.70
N GLU A 103 -8.79 -10.48 26.65
CA GLU A 103 -8.06 -11.35 25.73
C GLU A 103 -8.96 -12.18 24.82
N SER A 104 -10.02 -11.54 24.30
CA SER A 104 -10.88 -12.20 23.31
C SER A 104 -10.06 -12.63 22.10
N GLY A 105 -10.52 -13.67 21.42
CA GLY A 105 -9.92 -14.09 20.17
C GLY A 105 -9.96 -12.94 19.17
N CYS A 106 -11.08 -12.22 19.14
CA CYS A 106 -11.23 -11.09 18.20
C CYS A 106 -10.15 -10.02 18.37
N ARG A 107 -9.94 -9.55 19.59
CA ARG A 107 -8.96 -8.48 19.77
C ARG A 107 -7.53 -9.01 19.59
N THR A 108 -7.35 -10.28 19.90
CA THR A 108 -6.03 -10.91 19.83
C THR A 108 -5.58 -11.10 18.39
N VAL A 109 -6.47 -11.68 17.58
CA VAL A 109 -6.19 -11.88 16.16
C VAL A 109 -6.02 -10.53 15.43
N LEU A 110 -6.73 -9.50 15.89
CA LEU A 110 -6.59 -8.19 15.28
C LEU A 110 -5.13 -7.72 15.30
N ARG A 111 -4.43 -7.95 16.40
CA ARG A 111 -3.02 -7.55 16.50
C ARG A 111 -2.11 -8.32 15.52
N LEU A 112 -2.37 -9.62 15.36
CA LEU A 112 -1.64 -10.41 14.38
C LEU A 112 -1.99 -9.97 12.97
N HIS A 113 -3.27 -9.74 12.72
CA HIS A 113 -3.74 -9.20 11.43
C HIS A 113 -3.04 -7.90 11.01
N ARG A 114 -2.96 -6.93 11.91
CA ARG A 114 -2.27 -5.67 11.61
C ARG A 114 -0.81 -5.94 11.27
N ALA A 115 -0.18 -6.87 11.97
CA ALA A 115 1.23 -7.18 11.71
C ALA A 115 1.42 -7.87 10.36
N LEU A 116 0.39 -8.56 9.88
CA LEU A 116 0.45 -9.17 8.55
C LEU A 116 0.49 -8.10 7.46
N HIS A 117 -0.23 -7.02 7.67
CA HIS A 117 -0.18 -5.91 6.72
C HIS A 117 1.25 -5.34 6.68
N TRP A 118 1.85 -5.15 7.86
CA TRP A 118 3.25 -4.72 7.90
C TRP A 118 4.16 -5.71 7.14
N LEU A 119 3.96 -7.00 7.35
CA LEU A 119 4.80 -8.02 6.72
C LEU A 119 4.70 -7.94 5.21
N GLN A 120 3.48 -7.76 4.73
CA GLN A 120 3.23 -7.51 3.31
C GLN A 120 4.05 -6.32 2.82
N LEU A 121 3.95 -5.20 3.52
CA LEU A 121 4.63 -3.98 3.09
C LEU A 121 6.12 -4.18 3.08
N PHE A 122 6.64 -4.86 4.10
CA PHE A 122 8.07 -5.12 4.18
C PHE A 122 8.55 -6.04 3.04
N LEU A 123 7.84 -7.13 2.78
CA LEU A 123 8.19 -8.01 1.67
C LEU A 123 8.16 -7.31 0.31
N GLU A 124 7.18 -6.44 0.08
CA GLU A 124 7.17 -5.69 -1.17
CA GLU A 124 7.13 -5.65 -1.15
C GLU A 124 8.31 -4.68 -1.25
N GLY A 125 8.66 -4.08 -0.11
CA GLY A 125 9.81 -3.18 -0.03
C GLY A 125 11.11 -3.90 -0.38
N LEU A 126 11.31 -5.07 0.20
CA LEU A 126 12.46 -5.92 -0.14
C LEU A 126 12.49 -6.22 -1.64
N ARG A 127 11.33 -6.57 -2.18
CA ARG A 127 11.24 -6.92 -3.59
C ARG A 127 11.60 -5.77 -4.54
N THR A 128 11.19 -4.55 -4.21
CA THR A 128 11.30 -3.44 -5.14
C THR A 128 12.47 -2.51 -4.85
N SER A 129 13.22 -2.86 -3.80
CA SER A 129 14.29 -2.00 -3.29
C SER A 129 15.55 -2.03 -4.17
N PRO A 130 16.30 -0.91 -4.19
CA PRO A 130 17.63 -0.85 -4.81
C PRO A 130 18.55 -1.93 -4.26
N GLU A 131 19.56 -2.31 -5.04
CA GLU A 131 20.46 -3.38 -4.65
C GLU A 131 21.27 -2.98 -3.42
N ASP A 132 21.49 -1.68 -3.24
CA ASP A 132 22.32 -1.18 -2.14
C ASP A 132 21.50 -0.63 -0.97
N ALA A 133 20.33 -1.19 -0.73
CA ALA A 133 19.48 -0.72 0.37
C ALA A 133 19.85 -1.34 1.72
N ARG A 134 19.51 -0.63 2.80
CA ARG A 134 19.67 -1.14 4.14
C ARG A 134 18.34 -1.71 4.62
N THR A 135 18.37 -2.91 5.20
CA THR A 135 17.13 -3.53 5.69
C THR A 135 16.48 -2.72 6.82
N SER A 136 17.31 -1.99 7.57
CA SER A 136 16.80 -1.14 8.64
C SER A 136 15.83 -0.09 8.11
N ALA A 137 16.21 0.52 7.00
CA ALA A 137 15.39 1.53 6.35
C ALA A 137 14.11 0.92 5.77
N LEU A 138 14.21 -0.27 5.18
CA LEU A 138 13.05 -0.93 4.61
C LEU A 138 12.03 -1.26 5.69
N CYS A 139 12.53 -1.70 6.84
CA CYS A 139 11.68 -1.97 8.00
C CYS A 139 11.07 -0.70 8.56
N ALA A 140 11.90 0.31 8.76
CA ALA A 140 11.44 1.59 9.30
C ALA A 140 10.35 2.19 8.43
N ASP A 141 10.58 2.27 7.12
CA ASP A 141 9.59 2.84 6.20
C ASP A 141 8.28 2.07 6.26
N SER A 142 8.34 0.75 6.14
CA SER A 142 7.13 -0.07 6.21
C SER A 142 6.43 0.03 7.57
N TYR A 143 7.20 0.06 8.66
CA TYR A 143 6.65 0.15 10.03
C TYR A 143 6.01 1.51 10.27
N ASN A 144 6.73 2.57 9.92
CA ASN A 144 6.22 3.92 10.12
C ASN A 144 4.98 4.16 9.29
N ALA A 145 4.81 3.34 8.26
CA ALA A 145 3.65 3.47 7.38
C ALA A 145 2.45 2.64 7.84
N SER A 146 2.69 1.67 8.74
CA SER A 146 1.60 0.78 9.17
C SER A 146 1.44 0.62 10.69
N LEU A 147 2.14 -0.35 11.27
CA LEU A 147 2.02 -0.68 12.69
C LEU A 147 2.31 0.50 13.64
N ALA A 148 3.21 1.39 13.26
CA ALA A 148 3.59 2.51 14.12
C ALA A 148 2.37 3.26 14.67
N ALA A 149 1.31 3.30 13.88
CA ALA A 149 0.12 4.06 14.25
C ALA A 149 -0.58 3.48 15.49
N TYR A 150 -0.28 2.24 15.85
CA TYR A 150 -0.97 1.58 16.95
C TYR A 150 -0.08 1.41 18.16
N HIS A 151 1.18 1.83 18.05
CA HIS A 151 2.14 1.63 19.13
C HIS A 151 2.51 2.94 19.81
N PRO A 152 2.63 2.94 21.14
CA PRO A 152 3.10 4.12 21.86
C PRO A 152 4.59 4.40 21.60
N TRP A 153 5.03 5.60 21.93
CA TRP A 153 6.39 6.03 21.62
C TRP A 153 7.47 5.07 22.12
N VAL A 154 7.31 4.56 23.33
CA VAL A 154 8.37 3.73 23.90
C VAL A 154 8.51 2.42 23.12
N VAL A 155 7.40 1.91 22.60
CA VAL A 155 7.44 0.70 21.78
C VAL A 155 8.04 1.02 20.42
N ARG A 156 7.61 2.13 19.82
CA ARG A 156 8.20 2.57 18.56
C ARG A 156 9.72 2.73 18.64
N ARG A 157 10.22 3.23 19.77
CA ARG A 157 11.66 3.37 19.98
C ARG A 157 12.39 2.03 20.07
N ALA A 158 11.86 1.11 20.87
CA ALA A 158 12.43 -0.22 20.99
C ALA A 158 12.48 -0.93 19.63
N VAL A 159 11.40 -0.80 18.85
CA VAL A 159 11.34 -1.37 17.51
C VAL A 159 12.40 -0.76 16.59
N THR A 160 12.46 0.56 16.59
CA THR A 160 13.45 1.27 15.78
C THR A 160 14.87 0.82 16.11
N VAL A 161 15.17 0.73 17.41
CA VAL A 161 16.47 0.26 17.85
C VAL A 161 16.78 -1.13 17.30
N ALA A 162 15.81 -2.04 17.39
CA ALA A 162 15.99 -3.38 16.87
C ALA A 162 16.27 -3.36 15.37
N PHE A 163 15.47 -2.60 14.62
CA PHE A 163 15.62 -2.46 13.18
C PHE A 163 17.03 -2.06 12.76
N CYS A 164 17.65 -1.18 13.53
CA CYS A 164 18.96 -0.63 13.16
C CYS A 164 20.08 -1.66 13.22
N THR A 165 19.81 -2.79 13.84
CA THR A 165 20.80 -3.87 13.92
C THR A 165 20.76 -4.78 12.70
N LEU A 166 19.73 -4.62 11.87
CA LEU A 166 19.59 -5.46 10.67
C LEU A 166 20.68 -5.13 9.63
N PRO A 167 21.01 -6.09 8.76
CA PRO A 167 22.09 -5.90 7.79
C PRO A 167 21.59 -5.29 6.48
N THR A 168 22.47 -5.21 5.48
CA THR A 168 22.05 -4.70 4.19
C THR A 168 21.01 -5.64 3.58
N ARG A 169 20.25 -5.13 2.62
CA ARG A 169 19.26 -5.92 1.90
C ARG A 169 19.92 -7.12 1.22
N GLU A 170 21.10 -6.88 0.66
CA GLU A 170 21.82 -7.95 -0.02
C GLU A 170 22.04 -9.12 0.93
N VAL A 171 22.59 -8.83 2.10
CA VAL A 171 22.81 -9.86 3.12
C VAL A 171 21.52 -10.53 3.58
N PHE A 172 20.49 -9.72 3.81
CA PHE A 172 19.21 -10.25 4.29
C PHE A 172 18.59 -11.23 3.27
N LEU A 173 18.65 -10.88 2.00
CA LEU A 173 18.14 -11.76 0.96
C LEU A 173 18.99 -13.03 0.86
N GLU A 174 20.31 -12.85 0.75
CA GLU A 174 21.23 -13.98 0.65
C GLU A 174 21.04 -14.95 1.81
N ALA A 175 20.71 -14.43 2.99
CA ALA A 175 20.51 -15.28 4.17
C ALA A 175 19.27 -16.18 4.08
N MET A 176 18.32 -15.83 3.21
CA MET A 176 17.11 -16.65 3.04
C MET A 176 17.43 -17.99 2.35
N ASN A 177 18.62 -18.08 1.77
CA ASN A 177 19.11 -19.32 1.20
C ASN A 177 18.19 -19.88 0.10
N VAL A 178 17.81 -19.02 -0.83
CA VAL A 178 17.03 -19.43 -1.99
C VAL A 178 17.69 -18.90 -3.28
N GLY A 179 19.00 -18.73 -3.24
CA GLY A 179 19.76 -18.30 -4.40
C GLY A 179 20.11 -16.81 -4.39
N PRO A 180 20.50 -16.29 -5.57
CA PRO A 180 20.85 -14.86 -5.72
C PRO A 180 19.65 -13.99 -5.33
N PRO A 181 19.92 -12.74 -4.90
CA PRO A 181 18.82 -11.85 -4.53
C PRO A 181 17.71 -11.83 -5.58
N GLU A 182 18.08 -11.91 -6.86
CA GLU A 182 17.11 -11.95 -7.94
C GLU A 182 16.14 -13.12 -7.78
N GLN A 183 16.63 -14.21 -7.21
CA GLN A 183 15.80 -15.39 -7.00
C GLN A 183 15.00 -15.30 -5.69
N ALA A 184 15.61 -14.71 -4.68
CA ALA A 184 14.90 -14.46 -3.43
C ALA A 184 13.74 -13.51 -3.69
N VAL A 185 13.97 -12.55 -4.58
CA VAL A 185 12.92 -11.63 -5.00
C VAL A 185 11.78 -12.38 -5.68
N GLN A 186 12.10 -13.34 -6.54
CA GLN A 186 11.08 -14.18 -7.18
C GLN A 186 10.27 -14.94 -6.15
N MET A 187 10.98 -15.53 -5.19
CA MET A 187 10.36 -16.31 -4.12
C MET A 187 9.36 -15.47 -3.34
N LEU A 188 9.75 -14.27 -2.96
CA LEU A 188 8.84 -13.38 -2.24
C LEU A 188 7.61 -13.08 -3.09
N GLY A 189 7.81 -12.95 -4.40
CA GLY A 189 6.71 -12.67 -5.30
C GLY A 189 5.70 -13.81 -5.33
N GLU A 190 6.16 -15.02 -5.04
CA GLU A 190 5.30 -16.19 -5.04
C GLU A 190 4.48 -16.33 -3.76
N ALA A 191 5.08 -15.96 -2.62
CA ALA A 191 4.39 -16.04 -1.33
C ALA A 191 3.39 -14.91 -1.14
N LEU A 192 3.74 -13.73 -1.63
CA LEU A 192 2.95 -12.52 -1.34
C LEU A 192 1.45 -12.64 -1.62
N PRO A 193 1.07 -13.18 -2.79
CA PRO A 193 -0.35 -13.28 -3.07
C PRO A 193 -1.11 -14.06 -2.00
N PHE A 194 -0.48 -15.08 -1.42
CA PHE A 194 -1.17 -15.88 -0.41
C PHE A 194 -1.37 -15.06 0.87
N ILE A 195 -0.33 -14.35 1.28
CA ILE A 195 -0.42 -13.49 2.46
C ILE A 195 -1.45 -12.38 2.22
N GLN A 196 -1.36 -11.73 1.06
CA GLN A 196 -2.30 -10.67 0.70
C GLN A 196 -3.75 -11.15 0.76
N ARG A 197 -4.01 -12.35 0.25
CA ARG A 197 -5.36 -12.86 0.22
C ARG A 197 -5.89 -13.17 1.64
N VAL A 198 -5.07 -13.81 2.46
CA VAL A 198 -5.46 -14.07 3.84
C VAL A 198 -5.75 -12.73 4.54
N TYR A 199 -4.86 -11.77 4.35
CA TYR A 199 -5.08 -10.42 4.90
C TYR A 199 -6.41 -9.81 4.43
N ASN A 200 -6.62 -9.77 3.11
CA ASN A 200 -7.82 -9.15 2.54
C ASN A 200 -9.09 -9.76 3.08
N VAL A 201 -9.13 -11.08 3.18
CA VAL A 201 -10.34 -11.77 3.65
C VAL A 201 -10.58 -11.44 5.13
N SER A 202 -9.51 -11.43 5.92
CA SER A 202 -9.61 -11.10 7.36
C SER A 202 -10.03 -9.65 7.55
N GLN A 203 -9.46 -8.77 6.72
CA GLN A 203 -9.73 -7.35 6.82
C GLN A 203 -11.19 -7.06 6.53
N LYS A 204 -11.74 -7.72 5.52
CA LYS A 204 -13.16 -7.51 5.19
C LYS A 204 -14.08 -8.04 6.28
N LEU A 205 -13.73 -9.18 6.85
CA LEU A 205 -14.48 -9.75 7.97
C LEU A 205 -14.54 -8.78 9.16
N TYR A 206 -13.38 -8.31 9.61
CA TYR A 206 -13.34 -7.36 10.73
C TYR A 206 -14.05 -6.05 10.41
N ALA A 207 -13.86 -5.57 9.19
CA ALA A 207 -14.50 -4.32 8.75
C ALA A 207 -16.03 -4.41 8.76
N GLU A 208 -16.54 -5.50 8.23
CA GLU A 208 -17.99 -5.69 8.14
C GLU A 208 -18.65 -5.84 9.49
N HIS A 209 -17.87 -6.19 10.51
CA HIS A 209 -18.38 -6.24 11.88
C HIS A 209 -17.96 -5.05 12.75
N SER A 210 -17.40 -4.02 12.11
CA SER A 210 -16.89 -2.83 12.81
C SER A 210 -15.94 -3.16 13.98
N LEU A 211 -15.03 -4.10 13.73
CA LEU A 211 -14.09 -4.57 14.74
C LEU A 211 -12.65 -4.10 14.51
N LEU A 212 -12.43 -3.15 13.60
CA LEU A 212 -11.07 -2.76 13.23
C LEU A 212 -10.32 -1.99 14.33
N ASP A 213 -11.05 -1.51 15.31
CA ASP A 213 -10.40 -0.75 16.38
C ASP A 213 -10.65 -1.28 17.79
N LEU A 214 -10.72 -2.59 17.93
CA LEU A 214 -10.87 -3.22 19.24
C LEU A 214 -9.70 -2.88 20.18
N PRO A 215 -10.03 -2.53 21.43
CA PRO A 215 -8.99 -2.19 22.43
C PRO A 215 -8.26 -3.42 22.92
N PHE B 9 13.28 -2.86 -13.14
CA PHE B 9 12.13 -1.97 -13.18
C PHE B 9 12.09 -1.17 -14.48
N ASN B 10 10.95 -1.22 -15.16
CA ASN B 10 10.77 -0.51 -16.42
C ASN B 10 9.75 0.63 -16.28
N LEU B 11 10.10 1.82 -16.79
CA LEU B 11 9.20 2.97 -16.72
C LEU B 11 8.10 2.85 -17.76
N LYS B 12 8.44 2.27 -18.91
CA LYS B 12 7.46 2.04 -19.96
C LYS B 12 6.31 1.17 -19.44
N VAL B 13 6.66 0.10 -18.73
CA VAL B 13 5.65 -0.79 -18.17
C VAL B 13 4.70 -0.02 -17.23
N VAL B 14 5.27 0.80 -16.37
CA VAL B 14 4.44 1.60 -15.46
C VAL B 14 3.53 2.54 -16.25
N LEU B 15 4.08 3.27 -17.20
CA LEU B 15 3.30 4.28 -17.91
C LEU B 15 2.17 3.68 -18.75
N VAL B 16 2.44 2.60 -19.47
CA VAL B 16 1.40 1.96 -20.28
C VAL B 16 0.36 1.18 -19.48
N SER B 17 0.71 0.78 -18.27
CA SER B 17 -0.23 0.08 -17.40
C SER B 17 -1.52 0.89 -17.12
N PHE B 18 -1.51 2.19 -17.36
CA PHE B 18 -2.78 2.95 -17.22
C PHE B 18 -3.84 2.44 -18.21
N LYS B 19 -3.38 1.79 -19.27
CA LYS B 19 -4.31 1.19 -20.23
C LYS B 19 -5.26 0.23 -19.54
N GLN B 20 -4.78 -0.40 -18.46
CA GLN B 20 -5.57 -1.41 -17.74
C GLN B 20 -6.73 -0.83 -16.90
N CYS B 21 -6.77 0.49 -16.74
CA CYS B 21 -7.82 1.13 -15.93
C CYS B 21 -9.18 1.21 -16.65
N LEU B 22 -9.19 1.05 -17.97
CA LEU B 22 -10.40 1.30 -18.76
C LEU B 22 -11.04 0.02 -19.30
N ASP B 23 -12.35 0.06 -19.52
CA ASP B 23 -13.05 -1.06 -20.16
C ASP B 23 -14.09 -0.58 -21.16
N GLU B 24 -14.82 -1.50 -21.79
CA GLU B 24 -15.83 -1.10 -22.77
C GLU B 24 -16.87 -0.13 -22.21
N LYS B 25 -17.21 -0.26 -20.93
CA LYS B 25 -18.18 0.63 -20.33
C LYS B 25 -17.53 1.98 -19.95
N GLU B 26 -16.31 2.18 -20.40
CA GLU B 26 -15.57 3.39 -20.08
CA GLU B 26 -15.51 3.37 -20.08
C GLU B 26 -15.52 3.69 -18.58
N GLU B 27 -15.48 2.65 -17.77
CA GLU B 27 -15.36 2.82 -16.33
C GLU B 27 -13.88 2.98 -16.04
N VAL B 28 -13.52 3.74 -15.02
CA VAL B 28 -12.15 3.73 -14.54
C VAL B 28 -12.07 2.81 -13.34
N LEU B 29 -11.43 1.65 -13.54
CA LEU B 29 -11.36 0.62 -12.51
C LEU B 29 -10.35 1.01 -11.45
N LEU B 30 -10.75 0.95 -10.19
CA LEU B 30 -9.89 1.37 -9.09
C LEU B 30 -8.66 0.49 -8.85
N ASP B 31 -8.82 -0.83 -8.91
CA ASP B 31 -7.68 -1.72 -8.66
C ASP B 31 -6.47 -1.42 -9.57
N PRO B 32 -6.68 -1.42 -10.90
CA PRO B 32 -5.60 -1.08 -11.83
C PRO B 32 -5.08 0.35 -11.64
N TYR B 33 -5.97 1.26 -11.28
CA TYR B 33 -5.57 2.65 -11.02
C TYR B 33 -4.58 2.71 -9.86
N ILE B 34 -4.89 1.99 -8.79
CA ILE B 34 -4.01 1.91 -7.65
C ILE B 34 -2.68 1.26 -8.05
N ALA B 35 -2.77 0.17 -8.82
CA ALA B 35 -1.57 -0.55 -9.25
C ALA B 35 -0.64 0.34 -10.06
N SER B 36 -1.21 1.10 -10.99
CA SER B 36 -0.41 2.03 -11.80
C SER B 36 0.29 3.05 -10.91
N TRP B 37 -0.47 3.63 -9.97
CA TRP B 37 0.10 4.61 -9.06
C TRP B 37 1.22 4.01 -8.20
N LYS B 38 1.08 2.75 -7.80
CA LYS B 38 2.18 2.08 -7.08
C LYS B 38 3.45 1.99 -7.95
N GLY B 39 3.27 1.77 -9.24
CA GLY B 39 4.38 1.80 -10.19
C GLY B 39 5.04 3.17 -10.20
N LEU B 40 4.24 4.24 -10.21
CA LEU B 40 4.80 5.60 -10.12
C LEU B 40 5.52 5.85 -8.79
N VAL B 41 4.98 5.33 -7.68
CA VAL B 41 5.65 5.45 -6.39
C VAL B 41 7.02 4.74 -6.41
N ARG B 42 7.09 3.58 -7.05
CA ARG B 42 8.36 2.86 -7.18
CA ARG B 42 8.36 2.86 -7.17
C ARG B 42 9.39 3.75 -7.88
N PHE B 43 8.97 4.42 -8.92
CA PHE B 43 9.85 5.37 -9.61
C PHE B 43 10.33 6.47 -8.67
N LEU B 44 9.39 7.15 -8.00
CA LEU B 44 9.69 8.19 -7.02
C LEU B 44 10.71 7.74 -5.98
N ASN B 45 10.49 6.55 -5.43
CA ASN B 45 11.38 6.00 -4.41
C ASN B 45 12.77 5.81 -4.98
N SER B 46 12.83 5.31 -6.21
CA SER B 46 14.11 5.15 -6.90
C SER B 46 14.87 6.47 -6.99
N LEU B 47 14.16 7.55 -7.31
CA LEU B 47 14.81 8.84 -7.50
C LEU B 47 15.64 9.25 -6.30
N GLY B 48 15.19 8.83 -5.12
CA GLY B 48 15.94 9.09 -3.92
C GLY B 48 15.13 9.80 -2.86
N THR B 49 15.78 10.07 -1.72
CA THR B 49 15.10 10.55 -0.53
C THR B 49 14.62 12.00 -0.58
N ILE B 50 15.16 12.81 -1.49
CA ILE B 50 14.66 14.17 -1.56
C ILE B 50 13.20 14.17 -2.05
N PHE B 51 12.79 13.08 -2.70
CA PHE B 51 11.42 12.98 -3.21
C PHE B 51 10.48 12.21 -2.31
N SER B 52 10.98 11.84 -1.12
CA SER B 52 10.24 11.03 -0.17
C SER B 52 8.90 11.61 0.28
N PHE B 53 8.85 12.91 0.51
CA PHE B 53 7.61 13.53 0.98
C PHE B 53 6.47 13.38 -0.03
N ILE B 54 6.82 13.31 -1.30
CA ILE B 54 5.85 13.11 -2.37
C ILE B 54 5.37 11.67 -2.38
N SER B 55 6.32 10.76 -2.36
CA SER B 55 6.03 9.35 -2.28
C SER B 55 5.14 9.02 -1.07
N LYS B 56 5.48 9.58 0.09
CA LYS B 56 4.68 9.35 1.29
C LYS B 56 3.24 9.87 1.18
N ASP B 57 3.05 11.02 0.53
CA ASP B 57 1.70 11.54 0.40
C ASP B 57 0.87 10.67 -0.53
N VAL B 58 1.46 10.27 -1.66
CA VAL B 58 0.80 9.36 -2.59
C VAL B 58 0.43 8.06 -1.89
N VAL B 59 1.40 7.43 -1.23
CA VAL B 59 1.12 6.17 -0.53
C VAL B 59 0.01 6.33 0.52
N SER B 60 0.00 7.46 1.22
CA SER B 60 -1.07 7.76 2.18
C SER B 60 -2.44 7.68 1.53
N LYS B 61 -2.58 8.32 0.37
CA LYS B 61 -3.82 8.30 -0.38
C LYS B 61 -4.18 6.92 -0.96
N LEU B 62 -3.17 6.17 -1.38
CA LEU B 62 -3.41 4.82 -1.90
C LEU B 62 -3.91 3.90 -0.79
N ARG B 63 -3.40 4.11 0.43
CA ARG B 63 -3.81 3.35 1.60
CA ARG B 63 -3.83 3.31 1.57
C ARG B 63 -5.29 3.60 1.93
N ILE B 64 -5.70 4.86 1.83
CA ILE B 64 -7.11 5.21 2.02
C ILE B 64 -7.97 4.42 1.04
N MET B 65 -7.55 4.40 -0.22
CA MET B 65 -8.35 3.79 -1.28
C MET B 65 -8.37 2.27 -1.14
N GLU B 66 -7.26 1.69 -0.70
CA GLU B 66 -7.20 0.26 -0.45
C GLU B 66 -8.10 -0.15 0.73
N ARG B 67 -8.14 0.67 1.77
CA ARG B 67 -9.06 0.40 2.85
C ARG B 67 -10.51 0.42 2.39
N LEU B 68 -10.85 1.38 1.53
CA LEU B 68 -12.21 1.48 1.02
C LEU B 68 -12.54 0.30 0.13
N ARG B 69 -11.59 -0.04 -0.74
CA ARG B 69 -11.77 -1.11 -1.70
C ARG B 69 -11.84 -2.47 -1.00
N GLY B 70 -11.24 -2.57 0.19
CA GLY B 70 -11.23 -3.83 0.91
C GLY B 70 -12.21 -3.89 2.08
N GLY B 71 -13.07 -2.88 2.17
CA GLY B 71 -13.98 -2.75 3.29
C GLY B 71 -15.36 -3.31 3.01
N PRO B 72 -16.33 -3.00 3.89
CA PRO B 72 -17.71 -3.50 3.84
C PRO B 72 -18.40 -3.12 2.54
N GLN B 73 -18.03 -1.97 1.97
CA GLN B 73 -18.63 -1.50 0.73
C GLN B 73 -17.74 -1.73 -0.48
N SER B 74 -16.93 -2.78 -0.46
CA SER B 74 -15.91 -2.95 -1.48
C SER B 74 -16.43 -2.87 -2.91
N GLU B 75 -17.61 -3.45 -3.14
CA GLU B 75 -18.21 -3.49 -4.46
C GLU B 75 -18.43 -2.09 -5.03
N HIS B 76 -18.78 -1.14 -4.14
CA HIS B 76 -19.03 0.23 -4.57
C HIS B 76 -17.78 1.00 -4.95
N TYR B 77 -16.61 0.41 -4.68
CA TYR B 77 -15.34 1.06 -5.05
C TYR B 77 -14.63 0.36 -6.20
N ARG B 78 -15.35 -0.50 -6.92
CA ARG B 78 -14.77 -1.20 -8.06
CA ARG B 78 -14.72 -1.20 -8.03
C ARG B 78 -14.31 -0.22 -9.14
N SER B 79 -15.02 0.89 -9.25
CA SER B 79 -14.70 1.90 -10.25
C SER B 79 -14.92 3.30 -9.68
N LEU B 80 -14.31 4.29 -10.32
CA LEU B 80 -14.49 5.66 -9.86
C LEU B 80 -15.96 6.09 -9.99
N GLN B 81 -16.63 5.60 -11.04
CA GLN B 81 -18.05 5.94 -11.26
C GLN B 81 -18.94 5.37 -10.16
N ALA B 82 -18.68 4.12 -9.78
CA ALA B 82 -19.47 3.50 -8.71
C ALA B 82 -19.19 4.21 -7.40
N MET B 83 -17.91 4.55 -7.19
CA MET B 83 -17.51 5.26 -6.00
C MET B 83 -18.27 6.58 -5.85
N VAL B 84 -18.26 7.39 -6.90
CA VAL B 84 -18.99 8.66 -6.89
C VAL B 84 -20.48 8.48 -6.58
N ALA B 85 -21.13 7.57 -7.30
CA ALA B 85 -22.54 7.31 -7.07
C ALA B 85 -22.80 6.92 -5.62
N HIS B 86 -21.97 6.03 -5.07
CA HIS B 86 -22.16 5.53 -3.73
C HIS B 86 -21.98 6.63 -2.69
N GLU B 87 -20.88 7.38 -2.81
CA GLU B 87 -20.57 8.40 -1.82
C GLU B 87 -21.51 9.60 -1.90
N LEU B 88 -21.94 9.97 -3.10
CA LEU B 88 -22.96 11.02 -3.22
C LEU B 88 -24.30 10.58 -2.63
N SER B 89 -24.77 9.42 -3.04
CA SER B 89 -26.06 8.89 -2.60
C SER B 89 -26.13 8.77 -1.09
N ASN B 90 -25.01 8.43 -0.47
CA ASN B 90 -25.00 8.16 0.96
C ASN B 90 -24.38 9.30 1.78
N ARG B 91 -24.19 10.44 1.14
CA ARG B 91 -23.68 11.65 1.80
C ARG B 91 -22.37 11.40 2.53
N LEU B 92 -21.43 10.73 1.86
CA LEU B 92 -20.13 10.44 2.45
C LEU B 92 -19.03 11.36 1.92
N VAL B 93 -19.42 12.43 1.23
CA VAL B 93 -18.48 13.42 0.73
C VAL B 93 -18.71 14.78 1.36
N ASP B 94 -17.66 15.38 1.91
CA ASP B 94 -17.75 16.76 2.39
C ASP B 94 -17.57 17.72 1.22
N LEU B 95 -18.64 18.41 0.85
CA LEU B 95 -18.60 19.23 -0.36
C LEU B 95 -17.97 20.59 -0.15
N GLU B 96 -18.07 21.14 1.05
CA GLU B 96 -17.67 22.52 1.26
C GLU B 96 -16.48 22.64 2.20
N ARG B 97 -16.54 21.94 3.33
CA ARG B 97 -15.39 21.87 4.24
C ARG B 97 -15.28 20.48 4.83
N ARG B 98 -14.05 20.05 5.10
CA ARG B 98 -13.82 18.73 5.66
C ARG B 98 -14.14 18.44 7.12
N SER B 99 -15.24 17.74 7.33
CA SER B 99 -15.84 17.59 8.65
C SER B 99 -15.81 16.12 9.02
N HIS B 100 -16.92 15.43 8.79
CA HIS B 100 -17.03 14.04 9.20
C HIS B 100 -16.49 13.08 8.16
N HIS B 101 -16.10 13.61 6.99
CA HIS B 101 -15.61 12.76 5.91
C HIS B 101 -14.34 13.28 5.26
N PRO B 102 -13.31 13.56 6.08
CA PRO B 102 -12.03 14.14 5.64
C PRO B 102 -11.29 13.27 4.62
N GLU B 103 -11.57 11.97 4.63
CA GLU B 103 -10.85 11.03 3.76
C GLU B 103 -11.75 10.18 2.84
N SER B 104 -12.84 10.78 2.36
CA SER B 104 -13.71 10.13 1.38
C SER B 104 -12.90 9.68 0.16
N GLY B 105 -13.36 8.62 -0.49
CA GLY B 105 -12.78 8.20 -1.76
C GLY B 105 -12.77 9.32 -2.77
N CYS B 106 -13.86 10.08 -2.85
CA CYS B 106 -13.97 11.15 -3.86
C CYS B 106 -12.90 12.21 -3.69
N ARG B 107 -12.71 12.71 -2.47
CA ARG B 107 -11.73 13.78 -2.28
C ARG B 107 -10.29 13.25 -2.40
N THR B 108 -10.12 11.96 -2.09
CA THR B 108 -8.79 11.36 -2.12
C THR B 108 -8.31 11.12 -3.56
N VAL B 109 -9.17 10.47 -4.36
CA VAL B 109 -8.87 10.27 -5.77
C VAL B 109 -8.67 11.59 -6.51
N LEU B 110 -9.39 12.63 -6.10
CA LEU B 110 -9.23 13.95 -6.72
C LEU B 110 -7.77 14.44 -6.66
N ARG B 111 -7.09 14.21 -5.54
CA ARG B 111 -5.70 14.63 -5.43
C ARG B 111 -4.80 13.82 -6.38
N LEU B 112 -5.09 12.54 -6.53
CA LEU B 112 -4.33 11.71 -7.47
C LEU B 112 -4.62 12.11 -8.90
N HIS B 113 -5.89 12.43 -9.16
CA HIS B 113 -6.32 12.82 -10.49
C HIS B 113 -5.62 14.10 -10.96
N ARG B 114 -5.61 15.11 -10.11
CA ARG B 114 -4.89 16.35 -10.39
C ARG B 114 -3.40 16.08 -10.68
N ALA B 115 -2.82 15.13 -9.95
CA ALA B 115 -1.40 14.78 -10.14
C ALA B 115 -1.20 14.07 -11.48
N LEU B 116 -2.20 13.30 -11.90
CA LEU B 116 -2.14 12.63 -13.21
C LEU B 116 -2.10 13.67 -14.34
N HIS B 117 -2.81 14.78 -14.15
CA HIS B 117 -2.76 15.86 -15.13
C HIS B 117 -1.36 16.48 -15.19
N TRP B 118 -0.75 16.67 -14.03
CA TRP B 118 0.62 17.16 -14.01
C TRP B 118 1.54 16.20 -14.78
N LEU B 119 1.38 14.90 -14.54
CA LEU B 119 2.23 13.90 -15.18
C LEU B 119 2.06 13.98 -16.69
N GLN B 120 0.82 14.09 -17.12
CA GLN B 120 0.50 14.23 -18.54
C GLN B 120 1.27 15.41 -19.13
N LEU B 121 1.17 16.58 -18.48
CA LEU B 121 1.82 17.78 -18.97
C LEU B 121 3.34 17.64 -18.95
N PHE B 122 3.87 17.03 -17.89
CA PHE B 122 5.31 16.82 -17.79
C PHE B 122 5.82 15.94 -18.93
N LEU B 123 5.13 14.82 -19.16
CA LEU B 123 5.46 13.90 -20.24
C LEU B 123 5.44 14.58 -21.60
N GLU B 124 4.42 15.38 -21.86
CA GLU B 124 4.35 16.08 -23.14
C GLU B 124 5.47 17.13 -23.24
N GLY B 125 5.78 17.76 -22.10
CA GLY B 125 6.90 18.68 -22.03
C GLY B 125 8.22 18.03 -22.35
N LEU B 126 8.45 16.83 -21.81
CA LEU B 126 9.65 16.04 -22.15
C LEU B 126 9.68 15.69 -23.63
N ARG B 127 8.50 15.37 -24.16
CA ARG B 127 8.41 14.95 -25.55
C ARG B 127 8.75 16.06 -26.55
N THR B 128 8.35 17.28 -26.23
CA THR B 128 8.47 18.40 -27.17
C THR B 128 9.62 19.34 -26.84
N SER B 129 10.39 19.00 -25.81
CA SER B 129 11.47 19.87 -25.35
C SER B 129 12.69 19.86 -26.27
N PRO B 130 13.41 21.00 -26.33
CA PRO B 130 14.68 21.06 -27.06
C PRO B 130 15.68 20.07 -26.47
N GLU B 131 16.65 19.62 -27.27
CA GLU B 131 17.61 18.62 -26.82
C GLU B 131 18.34 19.05 -25.54
N ASP B 132 18.57 20.36 -25.41
CA ASP B 132 19.38 20.89 -24.30
C ASP B 132 18.56 21.48 -23.15
N ALA B 133 17.48 20.83 -22.77
CA ALA B 133 16.63 21.35 -21.71
C ALA B 133 16.99 20.78 -20.34
N ARG B 134 16.61 21.50 -19.29
CA ARG B 134 16.76 21.02 -17.93
C ARG B 134 15.44 20.41 -17.48
N THR B 135 15.49 19.19 -16.94
CA THR B 135 14.29 18.55 -16.42
C THR B 135 13.62 19.39 -15.31
N SER B 136 14.41 20.15 -14.57
CA SER B 136 13.87 21.00 -13.50
C SER B 136 12.88 22.04 -14.05
N ALA B 137 13.22 22.61 -15.20
CA ALA B 137 12.39 23.63 -15.84
C ALA B 137 11.13 23.01 -16.47
N LEU B 138 11.29 21.80 -17.02
CA LEU B 138 10.16 21.07 -17.57
C LEU B 138 9.15 20.76 -16.47
N CYS B 139 9.66 20.36 -15.30
CA CYS B 139 8.82 20.14 -14.13
C CYS B 139 8.17 21.42 -13.63
N ALA B 140 8.98 22.46 -13.47
CA ALA B 140 8.46 23.74 -13.03
C ALA B 140 7.29 24.18 -13.91
N ASP B 141 7.49 24.15 -15.23
CA ASP B 141 6.46 24.63 -16.14
C ASP B 141 5.17 23.82 -16.03
N SER B 142 5.28 22.51 -16.03
CA SER B 142 4.10 21.66 -15.91
C SER B 142 3.42 21.83 -14.56
N TYR B 143 4.23 21.89 -13.50
CA TYR B 143 3.72 22.09 -12.14
C TYR B 143 2.98 23.41 -12.03
N ASN B 144 3.59 24.48 -12.52
CA ASN B 144 2.96 25.79 -12.42
C ASN B 144 1.67 25.87 -13.23
N ALA B 145 1.57 25.01 -14.24
CA ALA B 145 0.43 24.97 -15.12
C ALA B 145 -0.70 24.21 -14.44
N SER B 146 -0.34 23.24 -13.60
CA SER B 146 -1.34 22.41 -12.95
C SER B 146 -1.41 22.46 -11.43
N LEU B 147 -0.70 21.54 -10.79
CA LEU B 147 -0.77 21.33 -9.35
C LEU B 147 -0.53 22.57 -8.49
N ALA B 148 0.34 23.47 -8.94
CA ALA B 148 0.73 24.64 -8.15
C ALA B 148 -0.48 25.41 -7.64
N ALA B 149 -1.52 25.48 -8.46
CA ALA B 149 -2.73 26.22 -8.10
C ALA B 149 -3.42 25.66 -6.85
N TYR B 150 -3.14 24.41 -6.49
CA TYR B 150 -3.84 23.79 -5.36
C TYR B 150 -2.98 23.67 -4.10
N HIS B 151 -1.75 24.14 -4.17
CA HIS B 151 -0.78 23.94 -3.11
C HIS B 151 -0.38 25.27 -2.47
N PRO B 152 -0.24 25.29 -1.15
CA PRO B 152 0.22 26.50 -0.45
C PRO B 152 1.69 26.77 -0.72
N TRP B 153 2.14 27.98 -0.37
CA TRP B 153 3.49 28.40 -0.69
C TRP B 153 4.56 27.45 -0.16
N VAL B 154 4.42 26.98 1.07
CA VAL B 154 5.45 26.15 1.65
C VAL B 154 5.61 24.84 0.86
N VAL B 155 4.50 24.30 0.38
CA VAL B 155 4.55 23.10 -0.45
C VAL B 155 5.19 23.40 -1.80
N ARG B 156 4.75 24.47 -2.45
CA ARG B 156 5.33 24.83 -3.74
C ARG B 156 6.85 25.02 -3.64
N ARG B 157 7.32 25.55 -2.52
CA ARG B 157 8.76 25.72 -2.30
C ARG B 157 9.50 24.40 -2.16
N ALA B 158 8.99 23.49 -1.34
CA ALA B 158 9.64 22.20 -1.21
C ALA B 158 9.66 21.47 -2.57
N VAL B 159 8.56 21.57 -3.31
CA VAL B 159 8.49 20.93 -4.62
C VAL B 159 9.56 21.50 -5.56
N THR B 160 9.68 22.81 -5.59
CA THR B 160 10.68 23.48 -6.42
C THR B 160 12.08 23.04 -6.08
N VAL B 161 12.38 22.97 -4.78
CA VAL B 161 13.68 22.52 -4.31
C VAL B 161 13.97 21.09 -4.76
N ALA B 162 12.96 20.23 -4.71
CA ALA B 162 13.11 18.87 -5.21
C ALA B 162 13.39 18.85 -6.71
N PHE B 163 12.63 19.64 -7.47
CA PHE B 163 12.74 19.68 -8.93
C PHE B 163 14.14 20.05 -9.36
N CYS B 164 14.74 20.94 -8.59
CA CYS B 164 16.02 21.52 -8.98
C CYS B 164 17.17 20.52 -8.87
N THR B 165 16.93 19.41 -8.19
CA THR B 165 17.94 18.36 -8.11
C THR B 165 17.94 17.45 -9.34
N LEU B 166 16.93 17.56 -10.20
CA LEU B 166 16.83 16.69 -11.38
C LEU B 166 17.89 17.02 -12.44
N PRO B 167 18.27 16.02 -13.26
CA PRO B 167 19.35 16.22 -14.25
C PRO B 167 18.81 16.84 -15.53
N THR B 168 19.68 16.99 -16.53
CA THR B 168 19.25 17.48 -17.84
C THR B 168 18.27 16.49 -18.47
N ARG B 169 17.50 16.97 -19.44
CA ARG B 169 16.56 16.14 -20.20
C ARG B 169 17.21 14.89 -20.79
N GLU B 170 18.43 15.04 -21.33
CA GLU B 170 19.16 13.92 -21.91
CA GLU B 170 19.10 13.90 -21.93
C GLU B 170 19.30 12.76 -20.93
N VAL B 171 19.83 13.07 -19.76
CA VAL B 171 20.02 12.06 -18.73
C VAL B 171 18.70 11.45 -18.28
N PHE B 172 17.71 12.29 -18.07
CA PHE B 172 16.41 11.82 -17.59
C PHE B 172 15.78 10.85 -18.60
N LEU B 173 15.89 11.16 -19.89
CA LEU B 173 15.36 10.30 -20.94
C LEU B 173 16.15 9.00 -21.06
N GLU B 174 17.48 9.12 -20.98
CA GLU B 174 18.36 7.99 -21.14
C GLU B 174 18.25 7.07 -19.93
N ALA B 175 17.88 7.62 -18.78
CA ALA B 175 17.69 6.83 -17.57
C ALA B 175 16.47 5.93 -17.64
N MET B 176 15.59 6.19 -18.62
CA MET B 176 14.40 5.38 -18.80
C MET B 176 14.76 4.03 -19.43
N ASN B 177 16.04 3.86 -19.78
CA ASN B 177 16.54 2.61 -20.34
C ASN B 177 15.64 2.07 -21.43
N VAL B 178 15.48 2.84 -22.49
CA VAL B 178 14.55 2.51 -23.55
C VAL B 178 15.18 2.92 -24.89
N GLY B 179 16.48 3.18 -24.86
CA GLY B 179 17.25 3.53 -26.04
C GLY B 179 17.80 4.94 -25.99
N PRO B 180 18.11 5.50 -27.16
CA PRO B 180 18.50 6.91 -27.22
C PRO B 180 17.35 7.78 -26.71
N PRO B 181 17.62 9.06 -26.39
CA PRO B 181 16.53 9.94 -25.98
C PRO B 181 15.43 9.98 -27.04
N GLU B 182 15.81 9.80 -28.30
CA GLU B 182 14.85 9.83 -29.39
C GLU B 182 13.88 8.66 -29.31
N GLN B 183 14.37 7.53 -28.80
CA GLN B 183 13.51 6.37 -28.64
C GLN B 183 12.66 6.53 -27.38
N ALA B 184 13.22 7.15 -26.35
CA ALA B 184 12.50 7.41 -25.12
C ALA B 184 11.28 8.26 -25.46
N VAL B 185 11.50 9.24 -26.34
CA VAL B 185 10.44 10.12 -26.78
C VAL B 185 9.32 9.36 -27.50
N GLN B 186 9.71 8.38 -28.31
CA GLN B 186 8.72 7.52 -28.97
C GLN B 186 7.94 6.70 -27.96
N MET B 187 8.64 6.19 -26.94
CA MET B 187 8.00 5.42 -25.89
C MET B 187 6.95 6.29 -25.19
N LEU B 188 7.32 7.53 -24.89
CA LEU B 188 6.38 8.45 -24.24
C LEU B 188 5.14 8.68 -25.10
N GLY B 189 5.34 8.76 -26.42
CA GLY B 189 4.23 8.90 -27.35
C GLY B 189 3.30 7.70 -27.35
N GLU B 190 3.80 6.54 -26.94
CA GLU B 190 3.00 5.33 -26.90
C GLU B 190 2.16 5.26 -25.64
N ALA B 191 2.71 5.71 -24.52
CA ALA B 191 2.02 5.60 -23.23
C ALA B 191 1.09 6.78 -22.95
N LEU B 192 1.49 7.96 -23.42
CA LEU B 192 0.74 9.18 -23.13
C LEU B 192 -0.76 9.10 -23.46
N PRO B 193 -1.11 8.48 -24.60
CA PRO B 193 -2.54 8.43 -24.92
C PRO B 193 -3.39 7.66 -23.89
N PHE B 194 -2.82 6.64 -23.26
CA PHE B 194 -3.59 5.90 -22.27
C PHE B 194 -3.78 6.74 -21.01
N ILE B 195 -2.73 7.44 -20.60
CA ILE B 195 -2.83 8.35 -19.45
C ILE B 195 -3.83 9.45 -19.75
N GLN B 196 -3.76 10.02 -20.94
CA GLN B 196 -4.67 11.08 -21.32
C GLN B 196 -6.12 10.60 -21.28
N ARG B 197 -6.35 9.37 -21.72
CA ARG B 197 -7.71 8.85 -21.74
C ARG B 197 -8.25 8.61 -20.32
N VAL B 198 -7.45 8.00 -19.46
CA VAL B 198 -7.84 7.84 -18.07
C VAL B 198 -8.13 9.19 -17.45
N TYR B 199 -7.24 10.16 -17.63
CA TYR B 199 -7.48 11.48 -17.09
C TYR B 199 -8.80 12.09 -17.60
N ASN B 200 -9.02 12.03 -18.91
CA ASN B 200 -10.20 12.63 -19.51
C ASN B 200 -11.51 12.02 -19.01
N VAL B 201 -11.53 10.70 -18.85
CA VAL B 201 -12.72 10.02 -18.37
C VAL B 201 -12.97 10.41 -16.91
N SER B 202 -11.90 10.45 -16.11
CA SER B 202 -11.98 10.81 -14.70
C SER B 202 -12.40 12.28 -14.54
N GLN B 203 -11.86 13.14 -15.38
CA GLN B 203 -12.19 14.57 -15.34
C GLN B 203 -13.66 14.83 -15.65
N LYS B 204 -14.20 14.13 -16.64
CA LYS B 204 -15.61 14.31 -16.99
C LYS B 204 -16.52 13.87 -15.84
N LEU B 205 -16.15 12.75 -15.22
CA LEU B 205 -16.89 12.25 -14.07
C LEU B 205 -16.96 13.30 -12.95
N TYR B 206 -15.81 13.83 -12.55
CA TYR B 206 -15.77 14.82 -11.48
C TYR B 206 -16.42 16.13 -11.90
N ALA B 207 -16.16 16.55 -13.14
CA ALA B 207 -16.69 17.83 -13.61
C ALA B 207 -18.22 17.86 -13.66
N GLU B 208 -18.81 16.79 -14.16
CA GLU B 208 -20.25 16.74 -14.38
C GLU B 208 -21.03 16.62 -13.09
N HIS B 209 -20.33 16.28 -12.01
CA HIS B 209 -20.94 16.19 -10.68
C HIS B 209 -20.51 17.34 -9.78
N SER B 210 -19.84 18.34 -10.35
CA SER B 210 -19.36 19.51 -9.62
C SER B 210 -18.46 19.18 -8.44
N LEU B 211 -17.54 18.23 -8.66
CA LEU B 211 -16.66 17.73 -7.61
C LEU B 211 -15.20 18.17 -7.76
N LEU B 212 -14.94 19.15 -8.64
CA LEU B 212 -13.56 19.53 -8.97
C LEU B 212 -12.85 20.28 -7.86
N ASP B 213 -13.61 20.76 -6.88
CA ASP B 213 -13.03 21.54 -5.79
C ASP B 213 -13.31 20.99 -4.39
N LEU B 214 -13.41 19.67 -4.27
CA LEU B 214 -13.59 19.04 -2.95
C LEU B 214 -12.46 19.39 -2.01
N PRO B 215 -12.81 19.79 -0.77
CA PRO B 215 -11.81 20.15 0.23
C PRO B 215 -11.09 18.91 0.73
#